data_3K4T
#
_entry.id   3K4T
#
_cell.length_a   69.302
_cell.length_b   28.818
_cell.length_c   75.957
_cell.angle_alpha   90.00
_cell.angle_beta   92.08
_cell.angle_gamma   90.00
#
_symmetry.space_group_name_H-M   'P 1 21 1'
#
loop_
_entity.id
_entity.type
_entity.pdbx_description
1 polymer 'Virion-associated protein'
2 non-polymer 'CHLORIDE ION'
3 water water
#
_entity_poly.entity_id   1
_entity_poly.type   'polypeptide(L)'
_entity_poly.pdbx_seq_one_letter_code
;MANLNQIQKEVSEILSDQKSMKADIKAILELLGSQNPIKESLETVAAKIVNDLTKLINDCPCNKEILEALGTQPKEQLIE
QPKEKGKGLNLGKYS
;
_entity_poly.pdbx_strand_id   A,B,C,D
#
loop_
_chem_comp.id
_chem_comp.type
_chem_comp.name
_chem_comp.formula
CL non-polymer 'CHLORIDE ION' 'Cl -1'
#
# COMPACT_ATOMS: atom_id res chain seq x y z
N ALA A 2 10.42 44.79 -29.13
CA ALA A 2 10.79 43.32 -29.21
C ALA A 2 10.75 42.66 -27.82
N ASN A 3 11.04 43.49 -26.80
CA ASN A 3 10.97 43.14 -25.39
C ASN A 3 9.60 42.65 -24.94
N LEU A 4 8.56 43.45 -25.21
CA LEU A 4 7.22 43.19 -24.72
C LEU A 4 6.61 41.94 -25.32
N ASN A 5 6.93 41.69 -26.60
CA ASN A 5 6.46 40.50 -27.29
C ASN A 5 7.03 39.22 -26.73
N GLN A 6 8.34 39.18 -26.50
CA GLN A 6 8.93 38.04 -25.82
C GLN A 6 8.21 37.76 -24.50
N ILE A 7 7.99 38.80 -23.69
CA ILE A 7 7.24 38.61 -22.45
C ILE A 7 5.82 38.12 -22.74
N GLN A 8 5.14 38.76 -23.67
CA GLN A 8 3.83 38.28 -24.11
C GLN A 8 3.81 36.79 -24.51
N LYS A 9 4.80 36.34 -25.30
CA LYS A 9 4.93 34.93 -25.73
C LYS A 9 5.02 33.95 -24.55
N GLU A 10 5.96 34.23 -23.65
CA GLU A 10 6.23 33.36 -22.53
C GLU A 10 5.10 33.34 -21.56
N VAL A 11 4.41 34.45 -21.42
CA VAL A 11 3.28 34.55 -20.51
C VAL A 11 2.11 33.69 -21.02
N SER A 12 1.84 33.78 -22.32
CA SER A 12 0.83 32.95 -22.98
C SER A 12 1.13 31.48 -22.82
N GLU A 13 2.41 31.13 -22.94
CA GLU A 13 2.88 29.75 -22.83
C GLU A 13 2.75 29.21 -21.41
N ILE A 14 3.10 30.02 -20.40
CA ILE A 14 2.89 29.64 -18.99
C ILE A 14 1.43 29.30 -18.77
N LEU A 15 0.53 30.19 -19.17
CA LEU A 15 -0.92 30.02 -18.95
C LEU A 15 -1.54 28.80 -19.62
N SER A 16 -1.10 28.54 -20.85
CA SER A 16 -1.44 27.32 -21.57
C SER A 16 -0.90 26.09 -20.87
N ASP A 17 0.32 26.21 -20.35
CA ASP A 17 1.07 25.06 -19.87
C ASP A 17 0.28 24.41 -18.73
N GLN A 18 -0.34 25.25 -17.91
CA GLN A 18 -1.02 24.79 -16.72
C GLN A 18 -2.18 23.85 -17.09
N LYS A 19 -2.92 24.18 -18.14
CA LYS A 19 -4.16 23.45 -18.41
C LYS A 19 -3.98 21.95 -18.57
N SER A 20 -2.78 21.54 -18.99
CA SER A 20 -2.41 20.13 -19.05
C SER A 20 -1.80 19.66 -17.73
N MET A 21 -1.36 20.62 -16.92
CA MET A 21 -0.86 20.37 -15.58
C MET A 21 -2.03 20.12 -14.66
N LYS A 22 -3.07 20.96 -14.81
CA LYS A 22 -4.37 20.78 -14.13
C LYS A 22 -5.02 19.44 -14.44
N ALA A 23 -4.93 19.01 -15.70
CA ALA A 23 -5.50 17.73 -16.16
C ALA A 23 -4.84 16.54 -15.46
N ASP A 24 -3.56 16.70 -15.18
CA ASP A 24 -2.79 15.71 -14.46
C ASP A 24 -3.08 15.70 -12.95
N ILE A 25 -3.08 16.85 -12.30
CA ILE A 25 -3.44 16.92 -10.87
C ILE A 25 -4.85 16.34 -10.60
N LYS A 26 -5.80 16.59 -11.50
CA LYS A 26 -7.12 16.01 -11.41
C LYS A 26 -7.03 14.47 -11.47
N ALA A 27 -6.23 13.97 -12.40
CA ALA A 27 -6.06 12.55 -12.58
C ALA A 27 -5.46 11.91 -11.34
N ILE A 28 -4.56 12.61 -10.66
CA ILE A 28 -3.97 12.09 -9.43
C ILE A 28 -5.00 12.06 -8.28
N LEU A 29 -5.85 13.07 -8.19
CA LEU A 29 -6.93 13.10 -7.17
C LEU A 29 -8.06 12.13 -7.46
N GLU A 30 -8.43 11.97 -8.73
CA GLU A 30 -9.40 10.94 -9.12
C GLU A 30 -8.82 9.55 -8.91
N LEU A 31 -7.51 9.42 -8.85
CA LEU A 31 -6.88 8.11 -8.68
C LEU A 31 -6.70 7.73 -7.22
N LEU A 32 -6.40 8.73 -6.39
CA LEU A 32 -6.21 8.54 -4.96
C LEU A 32 -7.53 8.29 -4.24
N GLY A 33 -8.57 8.99 -4.69
CA GLY A 33 -9.90 8.87 -4.09
C GLY A 33 -10.80 7.84 -4.73
N SER A 34 -10.20 6.91 -5.48
CA SER A 34 -10.93 5.80 -6.07
C SER A 34 -10.47 4.42 -5.58
N GLN A 35 -9.50 4.39 -4.70
CA GLN A 35 -9.07 3.15 -4.07
C GLN A 35 -9.45 3.07 -2.61
N ASN A 36 -9.58 1.85 -2.09
CA ASN A 36 -9.92 1.62 -0.70
C ASN A 36 -8.74 1.95 0.23
N PRO A 37 -9.03 2.35 1.49
CA PRO A 37 -7.95 2.52 2.48
C PRO A 37 -7.20 1.19 2.74
N ILE A 38 -5.96 1.28 3.20
CA ILE A 38 -5.15 0.08 3.43
C ILE A 38 -5.66 -0.77 4.61
N LYS A 39 -5.99 -0.11 5.73
CA LYS A 39 -6.42 -0.76 6.97
C LYS A 39 -7.73 -1.56 6.83
N GLU A 40 -8.63 -1.02 6.00
CA GLU A 40 -9.92 -1.64 5.68
C GLU A 40 -9.70 -2.85 4.77
N SER A 41 -8.77 -2.70 3.82
CA SER A 41 -8.40 -3.77 2.90
C SER A 41 -7.72 -4.92 3.65
N LEU A 42 -6.78 -4.56 4.52
CA LEU A 42 -6.01 -5.53 5.31
C LEU A 42 -6.82 -6.33 6.33
N GLU A 43 -7.75 -5.65 7.02
CA GLU A 43 -8.68 -6.32 7.91
C GLU A 43 -9.46 -7.38 7.17
N THR A 44 -10.02 -7.02 6.01
CA THR A 44 -10.94 -7.87 5.24
C THR A 44 -10.26 -9.16 4.75
N VAL A 45 -9.00 -9.04 4.32
CA VAL A 45 -8.23 -10.19 3.83
C VAL A 45 -7.60 -11.02 4.94
N ALA A 46 -7.11 -10.36 5.99
CA ALA A 46 -6.64 -11.05 7.19
C ALA A 46 -7.78 -11.85 7.77
N ALA A 47 -8.93 -11.20 7.97
CA ALA A 47 -10.15 -11.85 8.42
C ALA A 47 -10.57 -13.05 7.54
N LYS A 48 -10.29 -12.98 6.24
CA LYS A 48 -10.50 -14.11 5.34
C LYS A 48 -9.47 -15.23 5.51
N ILE A 49 -8.18 -14.89 5.63
CA ILE A 49 -7.15 -15.89 5.92
C ILE A 49 -7.52 -16.67 7.19
N VAL A 50 -7.67 -15.97 8.30
CA VAL A 50 -8.01 -16.59 9.59
C VAL A 50 -9.33 -17.37 9.59
N ASN A 51 -10.35 -16.89 8.88
CA ASN A 51 -11.63 -17.64 8.75
C ASN A 51 -11.45 -18.96 8.02
N ASP A 52 -10.82 -18.92 6.85
CA ASP A 52 -10.53 -20.11 6.04
C ASP A 52 -9.71 -21.14 6.80
N LEU A 53 -8.72 -20.67 7.55
CA LEU A 53 -7.93 -21.56 8.37
C LEU A 53 -8.64 -21.93 9.68
N THR A 54 -9.32 -20.98 10.33
CA THR A 54 -10.10 -21.32 11.55
C THR A 54 -11.14 -22.40 11.25
N LYS A 55 -11.48 -22.57 9.97
CA LYS A 55 -12.37 -23.66 9.59
C LYS A 55 -11.65 -24.98 9.36
N LEU A 56 -10.61 -25.00 8.52
CA LEU A 56 -9.89 -26.26 8.22
C LEU A 56 -9.25 -26.92 9.46
N ILE A 57 -8.74 -26.10 10.39
CA ILE A 57 -8.22 -26.61 11.65
C ILE A 57 -9.32 -27.23 12.53
N ASN A 58 -10.55 -26.70 12.46
CA ASN A 58 -11.66 -27.31 13.17
C ASN A 58 -12.22 -28.52 12.40
N ASP A 59 -11.89 -28.60 11.11
CA ASP A 59 -12.19 -29.74 10.23
C ASP A 59 -11.60 -31.05 10.77
N CYS A 60 -10.40 -30.94 11.35
CA CYS A 60 -9.65 -32.07 11.89
C CYS A 60 -9.28 -33.12 10.84
N PRO A 61 -8.57 -32.69 9.77
CA PRO A 61 -8.23 -33.64 8.72
C PRO A 61 -7.41 -34.82 9.24
N CYS A 62 -6.55 -34.56 10.23
CA CYS A 62 -5.63 -35.58 10.76
C CYS A 62 -6.27 -36.61 11.71
N ASN A 63 -7.52 -36.40 12.08
CA ASN A 63 -8.23 -37.34 12.94
C ASN A 63 -8.45 -38.70 12.29
N LYS A 64 -8.70 -38.73 11.00
CA LYS A 64 -9.04 -39.97 10.29
C LYS A 64 -8.08 -41.13 10.54
N GLU A 65 -6.84 -40.98 10.07
CA GLU A 65 -5.87 -42.07 10.01
C GLU A 65 -5.61 -42.68 11.40
N ILE A 66 -5.60 -41.80 12.40
CA ILE A 66 -5.48 -42.17 13.80
C ILE A 66 -6.71 -42.92 14.31
N LEU A 67 -7.91 -42.45 13.93
CA LEU A 67 -9.14 -43.19 14.22
C LEU A 67 -9.25 -44.49 13.41
N GLU A 68 -8.54 -44.57 12.28
CA GLU A 68 -8.36 -45.84 11.54
C GLU A 68 -7.63 -46.85 12.39
N ALA A 69 -6.48 -46.42 12.95
CA ALA A 69 -5.66 -47.29 13.81
C ALA A 69 -6.31 -47.58 15.16
N LEU A 70 -6.98 -46.59 15.73
CA LEU A 70 -7.74 -46.82 16.97
C LEU A 70 -9.01 -47.68 16.74
N GLY A 71 -9.49 -47.72 15.49
CA GLY A 71 -10.63 -48.53 15.11
C GLY A 71 -11.95 -47.84 15.42
N ASN B 3 1.84 50.12 -12.74
CA ASN B 3 1.44 49.19 -13.83
C ASN B 3 2.50 48.13 -14.14
N LEU B 4 3.79 48.51 -14.02
CA LEU B 4 4.84 47.50 -13.84
C LEU B 4 5.00 47.18 -12.34
N ASN B 5 4.44 48.01 -11.46
CA ASN B 5 4.38 47.71 -10.03
C ASN B 5 3.46 46.54 -9.70
N GLN B 6 2.30 46.55 -10.34
CA GLN B 6 1.31 45.52 -10.13
C GLN B 6 1.77 44.24 -10.81
N ILE B 7 2.20 44.32 -12.09
CA ILE B 7 2.81 43.18 -12.75
C ILE B 7 3.98 42.59 -11.97
N GLN B 8 4.87 43.41 -11.43
CA GLN B 8 5.97 42.89 -10.59
C GLN B 8 5.49 42.22 -9.29
N LYS B 9 4.47 42.78 -8.64
CA LYS B 9 3.93 42.18 -7.42
C LYS B 9 3.28 40.83 -7.68
N GLU B 10 2.44 40.75 -8.71
CA GLU B 10 1.86 39.48 -9.11
C GLU B 10 2.92 38.43 -9.47
N VAL B 11 3.87 38.83 -10.31
CA VAL B 11 4.91 37.93 -10.80
C VAL B 11 5.78 37.37 -9.66
N SER B 12 6.19 38.21 -8.72
CA SER B 12 6.83 37.75 -7.46
C SER B 12 6.00 36.75 -6.66
N GLU B 13 4.67 36.96 -6.64
CA GLU B 13 3.75 36.10 -5.91
C GLU B 13 3.54 34.77 -6.63
N ILE B 14 3.68 34.79 -7.96
CA ILE B 14 3.65 33.57 -8.76
C ILE B 14 4.88 32.75 -8.45
N LEU B 15 6.01 33.45 -8.38
CA LEU B 15 7.30 32.82 -8.10
C LEU B 15 7.29 32.25 -6.70
N SER B 16 6.92 33.06 -5.72
CA SER B 16 6.94 32.64 -4.32
C SER B 16 6.09 31.38 -4.09
N ASP B 17 5.02 31.24 -4.87
CA ASP B 17 4.12 30.08 -4.82
C ASP B 17 4.65 28.83 -5.51
N GLN B 18 5.21 29.00 -6.71
CA GLN B 18 5.96 27.93 -7.38
C GLN B 18 6.96 27.33 -6.43
N LYS B 19 7.60 28.19 -5.65
CA LYS B 19 8.55 27.74 -4.66
C LYS B 19 7.88 26.72 -3.74
N SER B 20 6.82 27.11 -3.07
CA SER B 20 6.17 26.19 -2.14
C SER B 20 5.59 24.97 -2.84
N MET B 21 5.06 25.16 -4.05
CA MET B 21 4.62 24.05 -4.92
C MET B 21 5.73 23.05 -5.21
N LYS B 22 6.88 23.53 -5.71
CA LYS B 22 8.11 22.75 -5.89
C LYS B 22 8.42 21.85 -4.70
N ALA B 23 8.46 22.44 -3.51
CA ALA B 23 8.79 21.72 -2.28
C ALA B 23 7.81 20.59 -2.00
N ASP B 24 6.54 20.78 -2.36
CA ASP B 24 5.53 19.72 -2.15
C ASP B 24 5.65 18.57 -3.14
N ILE B 25 5.86 18.86 -4.41
CA ILE B 25 6.09 17.81 -5.40
C ILE B 25 7.31 16.97 -5.00
N LYS B 26 8.38 17.67 -4.62
CA LYS B 26 9.56 17.02 -4.09
C LYS B 26 9.13 16.07 -2.98
N ALA B 27 8.49 16.60 -1.93
CA ALA B 27 7.93 15.77 -0.86
C ALA B 27 7.05 14.59 -1.35
N ILE B 28 6.22 14.81 -2.38
CA ILE B 28 5.36 13.72 -2.90
C ILE B 28 6.21 12.65 -3.58
N LEU B 29 7.17 13.07 -4.39
CA LEU B 29 8.08 12.18 -5.11
C LEU B 29 9.02 11.41 -4.20
N GLU B 30 9.38 12.02 -3.07
CA GLU B 30 10.24 11.37 -2.10
C GLU B 30 9.44 10.28 -1.41
N LEU B 31 8.22 10.63 -1.01
CA LEU B 31 7.37 9.68 -0.31
C LEU B 31 7.16 8.46 -1.18
N LEU B 32 6.58 8.66 -2.37
CA LEU B 32 6.27 7.55 -3.30
C LEU B 32 7.51 6.76 -3.76
N GLY B 33 8.57 7.50 -4.11
CA GLY B 33 9.80 6.94 -4.64
C GLY B 33 10.62 6.10 -3.68
N SER B 34 10.36 6.26 -2.39
CA SER B 34 11.18 5.64 -1.36
C SER B 34 10.61 4.41 -0.66
N GLN B 35 9.64 3.76 -1.29
CA GLN B 35 9.06 2.55 -0.72
C GLN B 35 8.96 1.34 -1.65
N ASN B 36 9.14 0.15 -1.05
CA ASN B 36 9.09 -1.11 -1.76
C ASN B 36 7.84 -1.25 -2.61
N PRO B 37 7.98 -1.79 -3.84
CA PRO B 37 6.80 -2.12 -4.62
C PRO B 37 5.82 -2.91 -3.78
N ILE B 38 4.53 -2.77 -4.07
CA ILE B 38 3.50 -3.43 -3.27
C ILE B 38 3.67 -4.96 -3.31
N LYS B 39 3.98 -5.51 -4.48
CA LYS B 39 4.18 -6.96 -4.62
C LYS B 39 5.39 -7.48 -3.83
N GLU B 40 6.44 -6.66 -3.74
CA GLU B 40 7.64 -7.01 -3.00
C GLU B 40 7.35 -7.15 -1.49
N SER B 41 6.76 -6.11 -0.90
CA SER B 41 6.47 -6.05 0.52
C SER B 41 5.45 -7.09 0.98
N LEU B 42 4.53 -7.45 0.10
CA LEU B 42 3.55 -8.47 0.43
C LEU B 42 4.16 -9.88 0.47
N GLU B 43 5.20 -10.09 -0.33
CA GLU B 43 5.90 -11.39 -0.37
C GLU B 43 6.71 -11.71 0.89
N THR B 44 7.46 -10.73 1.40
CA THR B 44 8.23 -10.94 2.61
C THR B 44 7.31 -11.17 3.82
N VAL B 45 6.22 -10.40 3.93
CA VAL B 45 5.22 -10.60 4.98
C VAL B 45 4.57 -11.98 4.88
N ALA B 46 4.09 -12.34 3.69
CA ALA B 46 3.49 -13.65 3.49
C ALA B 46 4.46 -14.74 3.95
N ALA B 47 5.67 -14.74 3.39
CA ALA B 47 6.75 -15.66 3.80
C ALA B 47 6.94 -15.68 5.31
N LYS B 48 7.02 -14.50 5.93
CA LYS B 48 7.02 -14.39 7.40
C LYS B 48 5.90 -15.23 8.05
N ILE B 49 4.64 -15.04 7.61
CA ILE B 49 3.46 -15.68 8.20
C ILE B 49 3.55 -17.21 8.11
N VAL B 50 3.69 -17.73 6.90
CA VAL B 50 3.80 -19.17 6.64
C VAL B 50 4.91 -19.80 7.48
N ASN B 51 6.11 -19.23 7.39
CA ASN B 51 7.25 -19.70 8.16
C ASN B 51 7.01 -19.65 9.69
N ASP B 52 6.35 -18.59 10.16
CA ASP B 52 5.94 -18.51 11.56
C ASP B 52 4.90 -19.60 11.92
N LEU B 53 4.03 -19.96 10.99
CA LEU B 53 3.00 -20.99 11.25
C LEU B 53 3.46 -22.44 11.04
N THR B 54 4.28 -22.65 10.02
CA THR B 54 4.95 -23.94 9.79
C THR B 54 5.73 -24.39 11.02
N LYS B 55 6.50 -23.48 11.60
CA LYS B 55 7.31 -23.75 12.78
C LYS B 55 6.48 -24.28 13.95
N LEU B 56 5.26 -23.76 14.12
CA LEU B 56 4.37 -24.12 15.24
C LEU B 56 3.70 -25.47 15.00
N ILE B 57 3.12 -25.62 13.80
CA ILE B 57 2.49 -26.87 13.34
C ILE B 57 3.47 -28.04 13.35
N ASN B 58 4.60 -27.91 12.65
CA ASN B 58 5.64 -28.95 12.64
C ASN B 58 6.14 -29.29 14.05
N ASP B 59 5.99 -28.36 14.97
CA ASP B 59 6.35 -28.56 16.37
C ASP B 59 5.29 -29.32 17.19
N CYS B 60 4.25 -29.82 16.53
CA CYS B 60 3.31 -30.81 17.08
C CYS B 60 2.89 -30.64 18.55
N PRO B 61 2.08 -29.60 18.83
CA PRO B 61 1.73 -29.25 20.21
C PRO B 61 0.76 -30.23 20.89
N CYS B 62 -0.18 -30.76 20.12
CA CYS B 62 -1.32 -31.50 20.66
C CYS B 62 -1.03 -32.97 20.91
N ASN B 63 0.15 -33.41 20.52
CA ASN B 63 0.51 -34.82 20.55
C ASN B 63 0.74 -35.41 21.92
N LYS B 64 1.19 -34.60 22.87
CA LYS B 64 1.55 -35.10 24.20
C LYS B 64 0.29 -35.46 24.99
N GLU B 65 -0.78 -34.70 24.79
CA GLU B 65 -2.06 -34.99 25.41
C GLU B 65 -2.61 -36.32 24.93
N ILE B 66 -2.46 -36.59 23.62
CA ILE B 66 -2.81 -37.88 23.02
C ILE B 66 -1.94 -39.05 23.53
N LEU B 67 -0.63 -38.92 23.37
CA LEU B 67 0.27 -39.99 23.82
C LEU B 67 0.08 -40.30 25.31
N GLU B 68 -0.21 -39.27 26.10
CA GLU B 68 -0.50 -39.46 27.53
C GLU B 68 -1.76 -40.30 27.69
N ALA B 69 -2.81 -39.96 26.95
CA ALA B 69 -4.08 -40.68 27.05
C ALA B 69 -3.95 -42.10 26.49
N LEU B 70 -3.16 -42.25 25.43
CA LEU B 70 -2.91 -43.54 24.80
C LEU B 70 -2.22 -44.54 25.72
N GLY B 71 -1.30 -44.06 26.55
CA GLY B 71 -0.75 -44.87 27.61
C GLY B 71 0.75 -44.80 27.67
N THR B 72 1.35 -44.05 26.74
CA THR B 72 2.79 -44.06 26.54
C THR B 72 3.77 -43.78 27.69
N GLN B 73 3.73 -42.56 28.22
CA GLN B 73 4.84 -42.01 29.03
C GLN B 73 4.71 -42.49 30.48
N ALA C 2 8.79 47.50 -10.99
CA ALA C 2 9.72 48.63 -11.29
C ALA C 2 10.19 48.65 -12.74
N ASN C 3 10.51 47.49 -13.34
CA ASN C 3 11.10 47.50 -14.68
C ASN C 3 10.98 46.22 -15.49
N LEU C 4 10.81 46.40 -16.80
CA LEU C 4 10.38 45.33 -17.69
C LEU C 4 11.44 44.26 -17.88
N ASN C 5 12.70 44.69 -17.90
CA ASN C 5 13.86 43.78 -17.90
C ASN C 5 13.81 42.74 -16.77
N GLN C 6 13.63 43.18 -15.52
CA GLN C 6 13.51 42.26 -14.41
C GLN C 6 12.29 41.32 -14.56
N ILE C 7 11.14 41.91 -14.88
CA ILE C 7 9.92 41.11 -15.12
C ILE C 7 10.22 39.98 -16.11
N GLN C 8 10.89 40.31 -17.21
CA GLN C 8 11.26 39.31 -18.21
C GLN C 8 12.10 38.14 -17.67
N LYS C 9 13.13 38.42 -16.88
CA LYS C 9 13.87 37.35 -16.22
C LYS C 9 12.86 36.57 -15.38
N GLU C 10 12.13 37.27 -14.53
CA GLU C 10 11.17 36.61 -13.66
C GLU C 10 10.22 35.73 -14.49
N VAL C 11 9.66 36.29 -15.56
CA VAL C 11 8.71 35.51 -16.36
C VAL C 11 9.38 34.25 -16.92
N SER C 12 10.57 34.40 -17.50
CA SER C 12 11.33 33.22 -17.99
C SER C 12 11.56 32.17 -16.91
N GLU C 13 11.88 32.62 -15.71
CA GLU C 13 12.14 31.73 -14.60
C GLU C 13 10.90 30.93 -14.22
N ILE C 14 9.74 31.60 -14.18
CA ILE C 14 8.47 30.93 -13.93
C ILE C 14 8.24 29.85 -14.96
N LEU C 15 8.42 30.23 -16.23
CA LEU C 15 8.16 29.34 -17.33
C LEU C 15 8.99 28.07 -17.16
N SER C 16 10.30 28.24 -17.04
CA SER C 16 11.22 27.14 -16.85
C SER C 16 10.78 26.23 -15.70
N ASP C 17 10.64 26.78 -14.50
CA ASP C 17 10.31 25.97 -13.33
C ASP C 17 9.01 25.19 -13.54
N GLN C 18 8.04 25.80 -14.22
CA GLN C 18 6.75 25.15 -14.42
C GLN C 18 6.90 23.93 -15.30
N LYS C 19 7.60 24.11 -16.42
CA LYS C 19 8.02 22.98 -17.24
C LYS C 19 8.55 21.82 -16.38
N SER C 20 9.53 22.10 -15.51
CA SER C 20 10.04 21.08 -14.58
C SER C 20 8.91 20.44 -13.79
N MET C 21 8.02 21.28 -13.25
CA MET C 21 6.90 20.86 -12.43
C MET C 21 5.88 19.99 -13.20
N LYS C 22 5.55 20.39 -14.42
CA LYS C 22 4.73 19.55 -15.30
C LYS C 22 5.26 18.11 -15.42
N ALA C 23 6.56 17.96 -15.68
CA ALA C 23 7.23 16.67 -15.80
C ALA C 23 7.24 15.92 -14.48
N ASP C 24 7.51 16.62 -13.39
CA ASP C 24 7.50 16.03 -12.06
C ASP C 24 6.07 15.54 -11.66
N ILE C 25 5.04 16.31 -12.01
CA ILE C 25 3.64 15.92 -11.81
C ILE C 25 3.25 14.71 -12.66
N LYS C 26 3.69 14.70 -13.92
CA LYS C 26 3.52 13.56 -14.83
C LYS C 26 4.04 12.28 -14.20
N ALA C 27 5.28 12.35 -13.69
CA ALA C 27 5.94 11.25 -12.98
C ALA C 27 5.12 10.68 -11.81
N ILE C 28 4.67 11.54 -10.90
CA ILE C 28 3.74 11.15 -9.81
C ILE C 28 2.54 10.35 -10.32
N LEU C 29 1.93 10.83 -11.41
CA LEU C 29 0.80 10.16 -12.04
C LEU C 29 1.22 8.83 -12.68
N GLU C 30 2.30 8.82 -13.47
CA GLU C 30 2.82 7.56 -14.06
C GLU C 30 3.42 6.59 -13.01
N LEU C 31 3.47 7.01 -11.75
CA LEU C 31 3.92 6.15 -10.65
C LEU C 31 2.87 5.77 -9.57
N LEU C 32 1.74 6.46 -9.56
CA LEU C 32 0.58 6.00 -8.80
C LEU C 32 -0.19 5.10 -9.75
N GLY C 33 0.03 5.28 -11.05
CA GLY C 33 -0.63 4.50 -12.09
C GLY C 33 0.02 3.15 -12.31
N SER C 34 1.34 3.10 -12.12
CA SER C 34 2.09 1.86 -12.20
C SER C 34 1.75 0.95 -11.04
N GLN C 35 1.63 1.53 -9.86
CA GLN C 35 1.15 0.82 -8.67
C GLN C 35 -0.22 0.27 -9.00
N ASN C 36 -0.32 -1.06 -9.03
CA ASN C 36 -1.52 -1.73 -9.53
C ASN C 36 -2.33 -1.97 -8.23
N PRO C 37 -3.66 -2.12 -8.36
CA PRO C 37 -4.62 -2.30 -7.26
C PRO C 37 -4.08 -3.05 -6.03
N ILE C 38 -4.22 -2.43 -4.87
CA ILE C 38 -3.90 -3.03 -3.58
C ILE C 38 -4.86 -4.19 -3.31
N LYS C 39 -6.14 -3.95 -3.60
CA LYS C 39 -7.21 -4.93 -3.34
C LYS C 39 -7.07 -6.21 -4.16
N GLU C 40 -6.37 -6.12 -5.29
CA GLU C 40 -6.11 -7.28 -6.15
C GLU C 40 -4.82 -7.99 -5.75
N SER C 41 -3.85 -7.22 -5.29
CA SER C 41 -2.56 -7.76 -4.90
C SER C 41 -2.68 -8.53 -3.59
N LEU C 42 -3.49 -8.03 -2.67
CA LEU C 42 -3.76 -8.70 -1.41
C LEU C 42 -4.41 -10.07 -1.63
N GLU C 43 -5.49 -10.11 -2.41
CA GLU C 43 -6.26 -11.34 -2.69
C GLU C 43 -5.40 -12.48 -3.24
N THR C 44 -4.40 -12.14 -4.07
CA THR C 44 -3.55 -13.14 -4.71
C THR C 44 -2.54 -13.72 -3.72
N VAL C 45 -2.05 -12.87 -2.83
CA VAL C 45 -1.09 -13.26 -1.81
C VAL C 45 -1.78 -14.03 -0.68
N ALA C 46 -2.98 -13.58 -0.32
CA ALA C 46 -3.77 -14.21 0.72
C ALA C 46 -4.23 -15.60 0.31
N ALA C 47 -4.44 -15.80 -0.99
CA ALA C 47 -4.71 -17.13 -1.53
C ALA C 47 -3.45 -17.98 -1.41
N LYS C 48 -2.29 -17.40 -1.70
CA LYS C 48 -1.04 -18.14 -1.61
C LYS C 48 -0.67 -18.52 -0.17
N ILE C 49 -1.00 -17.66 0.79
CA ILE C 49 -0.78 -17.97 2.20
C ILE C 49 -1.68 -19.12 2.61
N VAL C 50 -2.98 -19.02 2.29
CA VAL C 50 -3.93 -20.03 2.73
C VAL C 50 -3.73 -21.37 2.03
N ASN C 51 -3.29 -21.33 0.76
CA ASN C 51 -3.01 -22.55 0.00
C ASN C 51 -1.87 -23.34 0.62
N ASP C 52 -0.75 -22.64 0.85
CA ASP C 52 0.45 -23.24 1.42
C ASP C 52 0.15 -23.92 2.76
N LEU C 53 -0.33 -23.15 3.74
CA LEU C 53 -0.74 -23.68 5.04
C LEU C 53 -1.85 -24.75 4.99
N THR C 54 -2.59 -24.79 3.88
CA THR C 54 -3.57 -25.86 3.66
C THR C 54 -2.86 -27.14 3.25
N LYS C 55 -1.79 -27.00 2.46
CA LYS C 55 -0.97 -28.13 2.02
C LYS C 55 -0.26 -28.75 3.22
N LEU C 56 0.26 -27.89 4.11
CA LEU C 56 0.94 -28.34 5.32
C LEU C 56 0.01 -29.13 6.23
N ILE C 57 -1.11 -28.51 6.58
CA ILE C 57 -2.03 -29.15 7.50
C ILE C 57 -2.49 -30.49 6.93
N ASN C 58 -2.97 -30.51 5.68
CA ASN C 58 -3.41 -31.75 5.02
C ASN C 58 -2.30 -32.81 4.81
N ASP C 59 -1.06 -32.46 5.13
CA ASP C 59 0.05 -33.43 5.17
C ASP C 59 0.10 -34.18 6.50
N CYS C 60 -0.46 -33.57 7.55
CA CYS C 60 -0.50 -34.18 8.89
C CYS C 60 0.88 -34.59 9.41
N PRO C 61 1.72 -33.59 9.74
CA PRO C 61 3.10 -33.89 10.11
C PRO C 61 3.19 -34.62 11.45
N CYS C 62 2.17 -34.44 12.27
CA CYS C 62 2.14 -34.93 13.64
C CYS C 62 1.55 -36.33 13.78
N ASN C 63 1.05 -36.87 12.67
CA ASN C 63 0.53 -38.22 12.70
C ASN C 63 1.63 -39.27 12.83
N LYS C 64 2.81 -38.97 12.30
CA LYS C 64 3.93 -39.91 12.30
C LYS C 64 4.29 -40.37 13.71
N GLU C 65 4.58 -39.42 14.60
CA GLU C 65 4.76 -39.70 16.01
C GLU C 65 3.66 -40.58 16.64
N ILE C 66 2.40 -40.29 16.32
CA ILE C 66 1.25 -40.99 16.96
C ILE C 66 0.98 -42.36 16.38
N LEU C 67 1.05 -42.47 15.05
CA LEU C 67 0.96 -43.77 14.39
C LEU C 67 2.14 -44.66 14.75
N GLU C 68 3.32 -44.08 14.99
CA GLU C 68 4.46 -44.86 15.51
C GLU C 68 4.10 -45.59 16.79
N ALA C 69 3.51 -44.87 17.75
CA ALA C 69 3.10 -45.46 19.03
C ALA C 69 2.04 -46.53 18.85
N LEU C 70 1.20 -46.37 17.83
CA LEU C 70 0.16 -47.34 17.47
C LEU C 70 0.66 -48.51 16.61
N GLY C 71 1.94 -48.54 16.29
CA GLY C 71 2.50 -49.64 15.55
C GLY C 71 2.00 -49.74 14.13
N THR C 72 1.74 -48.59 13.51
CA THR C 72 1.28 -48.52 12.12
C THR C 72 2.10 -47.51 11.31
N GLN C 73 2.46 -47.90 10.08
CA GLN C 73 3.19 -47.04 9.15
C GLN C 73 2.30 -45.91 8.62
N PRO C 74 2.82 -44.66 8.58
CA PRO C 74 2.20 -43.59 7.79
C PRO C 74 2.80 -43.46 6.40
N ASN D 3 -0.87 45.62 -25.55
CA ASN D 3 0.17 44.66 -25.04
C ASN D 3 0.32 44.62 -23.51
N LEU D 4 0.47 45.74 -22.82
CA LEU D 4 0.67 45.68 -21.35
C LEU D 4 -0.57 45.22 -20.56
N ASN D 5 -1.72 45.86 -20.76
CA ASN D 5 -2.93 45.41 -20.08
C ASN D 5 -3.31 43.97 -20.40
N GLN D 6 -3.11 43.56 -21.65
CA GLN D 6 -3.12 42.14 -22.03
C GLN D 6 -2.26 41.27 -21.11
N ILE D 7 -1.01 41.68 -20.89
CA ILE D 7 -0.08 40.90 -20.06
C ILE D 7 -0.53 40.85 -18.60
N GLN D 8 -0.88 42.01 -18.04
CA GLN D 8 -1.39 42.11 -16.67
C GLN D 8 -2.58 41.19 -16.41
N LYS D 9 -3.39 40.98 -17.43
CA LYS D 9 -4.52 40.07 -17.31
C LYS D 9 -4.04 38.58 -17.31
N GLU D 10 -3.23 38.19 -18.29
CA GLU D 10 -2.68 36.81 -18.24
C GLU D 10 -1.90 36.53 -16.98
N VAL D 11 -1.27 37.56 -16.42
CA VAL D 11 -0.52 37.39 -15.18
C VAL D 11 -1.49 37.13 -14.00
N SER D 12 -2.55 37.93 -13.91
CA SER D 12 -3.57 37.69 -12.88
C SER D 12 -4.14 36.31 -13.02
N GLU D 13 -4.32 35.89 -14.27
CA GLU D 13 -4.89 34.58 -14.60
C GLU D 13 -3.94 33.44 -14.20
N ILE D 14 -2.65 33.59 -14.54
CA ILE D 14 -1.63 32.63 -14.05
C ILE D 14 -1.64 32.53 -12.52
N LEU D 15 -1.71 33.67 -11.84
CA LEU D 15 -1.57 33.68 -10.40
C LEU D 15 -2.72 32.94 -9.75
N SER D 16 -3.94 33.24 -10.22
CA SER D 16 -5.17 32.68 -9.64
C SER D 16 -5.32 31.21 -9.97
N ASP D 17 -5.05 30.84 -11.22
CA ASP D 17 -5.10 29.44 -11.64
C ASP D 17 -4.08 28.60 -10.84
N GLN D 18 -2.93 29.19 -10.53
CA GLN D 18 -1.88 28.51 -9.75
C GLN D 18 -2.23 28.30 -8.29
N LYS D 19 -2.88 29.29 -7.68
CA LYS D 19 -3.35 29.16 -6.30
C LYS D 19 -4.22 27.91 -6.12
N SER D 20 -5.08 27.63 -7.10
CA SER D 20 -5.87 26.41 -7.06
C SER D 20 -5.04 25.13 -7.25
N MET D 21 -4.08 25.16 -8.18
CA MET D 21 -3.13 24.06 -8.36
C MET D 21 -2.35 23.81 -7.08
N LYS D 22 -1.91 24.86 -6.42
CA LYS D 22 -1.05 24.65 -5.26
C LYS D 22 -1.82 24.01 -4.11
N ALA D 23 -3.10 24.36 -3.99
CA ALA D 23 -3.99 23.78 -2.99
C ALA D 23 -4.32 22.28 -3.26
N ASP D 24 -4.53 21.93 -4.53
CA ASP D 24 -4.74 20.54 -4.92
C ASP D 24 -3.47 19.71 -4.65
N ILE D 25 -2.30 20.27 -4.98
CA ILE D 25 -1.02 19.58 -4.74
C ILE D 25 -0.80 19.30 -3.25
N LYS D 26 -1.15 20.28 -2.43
CA LYS D 26 -1.03 20.22 -0.98
C LYS D 26 -1.90 19.10 -0.47
N ALA D 27 -3.07 18.96 -1.09
CA ALA D 27 -4.05 17.92 -0.78
C ALA D 27 -3.58 16.52 -1.21
N ILE D 28 -2.92 16.41 -2.35
CA ILE D 28 -2.36 15.11 -2.76
C ILE D 28 -1.43 14.64 -1.65
N LEU D 29 -0.58 15.55 -1.19
CA LEU D 29 0.32 15.30 -0.07
C LEU D 29 -0.45 14.99 1.23
N GLU D 30 -1.43 15.84 1.58
CA GLU D 30 -2.31 15.57 2.73
C GLU D 30 -2.72 14.09 2.75
N LEU D 31 -3.21 13.60 1.60
CA LEU D 31 -3.76 12.25 1.45
C LEU D 31 -2.74 11.12 1.61
N LEU D 32 -1.57 11.27 0.97
CA LEU D 32 -0.48 10.29 1.10
C LEU D 32 0.19 10.42 2.48
N GLY D 33 -0.36 11.31 3.32
CA GLY D 33 0.09 11.46 4.71
C GLY D 33 -0.88 10.81 5.68
N SER D 34 -2.18 11.04 5.45
CA SER D 34 -3.25 10.46 6.28
C SER D 34 -3.03 8.98 6.48
N GLN D 35 -2.30 8.36 5.57
CA GLN D 35 -2.05 6.92 5.61
C GLN D 35 -0.67 6.55 6.15
N ASN D 36 -0.67 5.58 7.05
CA ASN D 36 0.55 4.98 7.57
C ASN D 36 1.12 3.92 6.60
N PRO D 37 2.44 3.99 6.31
CA PRO D 37 3.17 3.17 5.35
C PRO D 37 2.67 1.73 5.19
N ILE D 38 2.61 1.29 3.95
CA ILE D 38 2.05 -0.02 3.61
C ILE D 38 2.81 -1.17 4.27
N LYS D 39 4.14 -1.06 4.33
CA LYS D 39 4.99 -2.06 4.98
C LYS D 39 4.81 -2.05 6.51
N GLU D 40 4.42 -0.90 7.05
CA GLU D 40 4.21 -0.70 8.50
C GLU D 40 2.89 -1.29 8.99
N SER D 41 1.85 -1.22 8.16
CA SER D 41 0.53 -1.75 8.50
C SER D 41 0.43 -3.26 8.28
N LEU D 42 1.29 -3.76 7.40
CA LEU D 42 1.33 -5.20 7.08
C LEU D 42 1.99 -6.01 8.18
N GLU D 43 2.96 -5.42 8.85
CA GLU D 43 3.63 -6.03 9.99
C GLU D 43 2.60 -6.33 11.09
N THR D 44 1.82 -5.30 11.44
CA THR D 44 0.83 -5.39 12.52
C THR D 44 -0.31 -6.39 12.26
N VAL D 45 -0.83 -6.41 11.03
CA VAL D 45 -1.94 -7.28 10.66
C VAL D 45 -1.48 -8.73 10.48
N ALA D 46 -0.21 -8.90 10.13
CA ALA D 46 0.44 -10.20 10.05
C ALA D 46 0.63 -10.88 11.41
N ALA D 47 0.96 -10.11 12.44
CA ALA D 47 1.24 -10.64 13.77
C ALA D 47 -0.01 -11.09 14.50
N LYS D 48 -1.13 -10.46 14.18
CA LYS D 48 -2.43 -10.85 14.71
C LYS D 48 -2.93 -12.10 13.99
N ILE D 49 -2.76 -12.17 12.66
CA ILE D 49 -3.05 -13.39 11.91
C ILE D 49 -2.38 -14.63 12.55
N VAL D 50 -1.08 -14.55 12.84
CA VAL D 50 -0.39 -15.71 13.40
C VAL D 50 -0.76 -15.94 14.85
N ASN D 51 -0.94 -14.86 15.61
CA ASN D 51 -1.25 -14.98 17.04
C ASN D 51 -2.58 -15.69 17.28
N ASP D 52 -3.57 -15.41 16.44
CA ASP D 52 -4.89 -15.96 16.65
C ASP D 52 -5.09 -17.35 16.06
N LEU D 53 -4.30 -17.71 15.05
CA LEU D 53 -4.17 -19.12 14.66
C LEU D 53 -3.29 -19.85 15.69
N THR D 54 -2.36 -19.12 16.31
CA THR D 54 -1.67 -19.66 17.48
C THR D 54 -2.68 -19.97 18.59
N LYS D 55 -3.62 -19.05 18.84
CA LYS D 55 -4.70 -19.32 19.78
C LYS D 55 -5.42 -20.63 19.41
N LEU D 56 -5.74 -20.79 18.13
CA LEU D 56 -6.50 -21.97 17.66
C LEU D 56 -5.76 -23.30 17.75
N ILE D 57 -4.53 -23.34 17.23
CA ILE D 57 -3.74 -24.57 17.16
C ILE D 57 -3.36 -25.11 18.56
N ASN D 58 -2.81 -24.23 19.39
CA ASN D 58 -2.46 -24.61 20.76
C ASN D 58 -3.64 -25.11 21.60
N ASP D 59 -4.85 -24.75 21.18
CA ASP D 59 -6.07 -25.19 21.87
C ASP D 59 -6.40 -26.64 21.63
N CYS D 60 -5.92 -27.17 20.51
CA CYS D 60 -6.03 -28.60 20.18
C CYS D 60 -7.46 -29.04 19.90
N PRO D 61 -8.13 -28.39 18.93
CA PRO D 61 -9.53 -28.71 18.66
C PRO D 61 -9.76 -30.14 18.17
N CYS D 62 -8.67 -30.82 17.80
CA CYS D 62 -8.77 -32.17 17.24
C CYS D 62 -8.44 -33.30 18.21
N ASN D 63 -8.22 -32.94 19.47
CA ASN D 63 -7.90 -33.91 20.52
C ASN D 63 -9.12 -34.62 21.12
N LYS D 64 -10.20 -33.86 21.33
CA LYS D 64 -11.52 -34.36 21.79
C LYS D 64 -12.05 -35.67 21.17
N GLU D 65 -11.84 -35.82 19.86
CA GLU D 65 -12.33 -36.96 19.09
C GLU D 65 -11.39 -38.16 19.26
N ILE D 66 -10.09 -37.87 19.39
N ILE D 66 -10.09 -37.88 19.42
CA ILE D 66 -9.07 -38.91 19.61
CA ILE D 66 -9.07 -38.92 19.60
C ILE D 66 -9.14 -39.46 21.03
C ILE D 66 -8.99 -39.44 21.04
N LEU D 67 -9.14 -38.56 22.02
CA LEU D 67 -9.25 -38.94 23.43
C LEU D 67 -10.54 -39.72 23.73
N GLU D 68 -11.58 -39.51 22.93
CA GLU D 68 -12.88 -40.17 23.11
C GLU D 68 -12.79 -41.64 22.71
N ALA D 69 -11.82 -41.98 21.88
CA ALA D 69 -11.61 -43.36 21.44
C ALA D 69 -10.64 -44.11 22.37
N LEU D 70 -9.97 -43.38 23.26
CA LEU D 70 -8.95 -43.93 24.14
C LEU D 70 -9.46 -44.19 25.56
CL CL E . -0.27 5.43 -2.35
#